data_6CT1
#
_entry.id   6CT1
#
_entity_poly.entity_id   1
_entity_poly.type   'polypeptide(L)'
_entity_poly.pdbx_seq_one_letter_code
;PMARNKPKILKRILAKIFK
;
_entity_poly.pdbx_strand_id   A
#
# COMPACT_ATOMS: atom_id res chain seq x y z
N PRO A 1 3.61 10.74 -11.89
CA PRO A 1 3.05 10.88 -10.56
C PRO A 1 2.34 9.60 -10.17
N MET A 2 2.55 9.14 -8.96
CA MET A 2 1.94 7.90 -8.49
C MET A 2 0.48 8.13 -8.16
N ALA A 3 -0.40 7.52 -8.91
CA ALA A 3 -1.83 7.65 -8.68
C ALA A 3 -2.48 6.29 -8.72
N ARG A 4 -2.13 5.52 -9.74
CA ARG A 4 -2.64 4.16 -9.92
C ARG A 4 -1.93 3.24 -8.93
N ASN A 5 -0.71 3.61 -8.66
CA ASN A 5 0.11 2.97 -7.68
C ASN A 5 0.14 3.90 -6.50
N LYS A 6 -0.32 3.44 -5.39
CA LYS A 6 -0.33 4.20 -4.19
C LYS A 6 0.65 3.59 -3.22
N PRO A 7 1.95 3.94 -3.29
CA PRO A 7 3.01 3.30 -2.49
C PRO A 7 2.78 3.43 -1.01
N LYS A 8 2.20 4.56 -0.61
CA LYS A 8 1.96 4.83 0.80
C LYS A 8 1.01 3.82 1.38
N ILE A 9 -0.11 3.66 0.71
CA ILE A 9 -1.17 2.80 1.17
C ILE A 9 -0.83 1.33 0.92
N LEU A 10 -0.36 1.06 -0.30
CA LEU A 10 -0.06 -0.29 -0.73
C LEU A 10 1.01 -0.92 0.14
N LYS A 11 2.15 -0.24 0.31
CA LYS A 11 3.22 -0.83 1.11
C LYS A 11 2.84 -0.93 2.57
N ARG A 12 1.99 -0.06 3.07
CA ARG A 12 1.53 -0.18 4.45
C ARG A 12 0.73 -1.44 4.65
N ILE A 13 -0.32 -1.62 3.85
CA ILE A 13 -1.17 -2.82 3.92
C ILE A 13 -0.31 -4.06 3.67
N LEU A 14 0.59 -3.95 2.72
CA LEU A 14 1.49 -5.02 2.39
C LEU A 14 2.46 -5.27 3.54
N ALA A 15 2.79 -4.25 4.33
CA ALA A 15 3.77 -4.38 5.42
C ALA A 15 3.19 -5.14 6.57
N LYS A 16 1.88 -5.28 6.58
CA LYS A 16 1.22 -6.05 7.60
C LYS A 16 1.59 -7.52 7.42
N ILE A 17 1.57 -7.98 6.18
CA ILE A 17 1.96 -9.34 5.88
C ILE A 17 3.45 -9.47 5.50
N PHE A 18 3.90 -8.62 4.61
CA PHE A 18 5.25 -8.67 4.08
C PHE A 18 6.01 -7.40 4.50
N LYS A 19 6.86 -7.56 5.48
CA LYS A 19 7.61 -6.46 6.02
C LYS A 19 8.77 -6.13 5.12
N PRO A 1 -16.24 8.24 -3.35
CA PRO A 1 -14.85 8.25 -3.72
C PRO A 1 -14.09 7.39 -2.74
N MET A 2 -13.60 6.27 -3.20
CA MET A 2 -12.84 5.39 -2.35
C MET A 2 -11.38 5.68 -2.55
N ALA A 3 -10.60 5.45 -1.52
CA ALA A 3 -9.18 5.65 -1.58
C ALA A 3 -8.58 4.70 -2.60
N ARG A 4 -7.60 5.15 -3.31
CA ARG A 4 -6.95 4.34 -4.31
C ARG A 4 -5.76 3.67 -3.68
N ASN A 5 -5.26 2.65 -4.31
CA ASN A 5 -4.10 1.99 -3.78
C ASN A 5 -2.87 2.78 -4.15
N LYS A 6 -2.58 3.74 -3.33
CA LYS A 6 -1.42 4.56 -3.52
C LYS A 6 -0.25 3.81 -2.94
N PRO A 7 0.95 3.95 -3.51
CA PRO A 7 2.16 3.25 -3.05
C PRO A 7 2.38 3.27 -1.53
N LYS A 8 2.17 4.41 -0.91
CA LYS A 8 2.33 4.53 0.54
C LYS A 8 1.30 3.68 1.29
N ILE A 9 0.10 3.60 0.75
CA ILE A 9 -0.97 2.82 1.35
C ILE A 9 -0.68 1.34 1.09
N LEU A 10 -0.17 1.07 -0.10
CA LEU A 10 0.23 -0.25 -0.51
C LEU A 10 1.31 -0.79 0.41
N LYS A 11 2.31 0.03 0.68
CA LYS A 11 3.39 -0.36 1.57
C LYS A 11 2.89 -0.67 2.96
N ARG A 12 1.88 0.05 3.38
CA ARG A 12 1.29 -0.21 4.67
C ARG A 12 0.60 -1.56 4.71
N ILE A 13 -0.35 -1.79 3.79
CA ILE A 13 -1.08 -3.07 3.76
C ILE A 13 -0.13 -4.24 3.51
N LEU A 14 0.91 -3.98 2.72
CA LEU A 14 1.94 -4.95 2.43
C LEU A 14 2.79 -5.19 3.67
N ALA A 15 2.98 -4.17 4.51
CA ALA A 15 3.83 -4.31 5.69
C ALA A 15 3.19 -5.22 6.71
N LYS A 16 1.87 -5.28 6.66
CA LYS A 16 1.12 -6.12 7.55
C LYS A 16 1.33 -7.59 7.22
N ILE A 17 1.37 -7.91 5.95
CA ILE A 17 1.52 -9.28 5.52
C ILE A 17 3.00 -9.68 5.32
N PHE A 18 3.79 -8.78 4.79
CA PHE A 18 5.17 -9.06 4.50
C PHE A 18 6.07 -8.54 5.61
N LYS A 19 6.14 -9.30 6.67
CA LYS A 19 6.95 -8.98 7.79
C LYS A 19 7.82 -10.16 8.18
N PRO A 1 -11.75 3.96 -16.55
CA PRO A 1 -10.33 3.88 -16.86
C PRO A 1 -9.58 3.71 -15.57
N MET A 2 -8.28 3.52 -15.65
CA MET A 2 -7.46 3.36 -14.46
C MET A 2 -6.24 4.27 -14.54
N ALA A 3 -5.54 4.38 -13.44
CA ALA A 3 -4.38 5.23 -13.32
C ALA A 3 -3.48 4.66 -12.23
N ARG A 4 -2.63 5.48 -11.64
CA ARG A 4 -1.74 5.01 -10.59
C ARG A 4 -2.40 5.14 -9.22
N ASN A 5 -1.70 4.71 -8.20
CA ASN A 5 -2.19 4.72 -6.83
C ASN A 5 -1.01 5.15 -5.97
N LYS A 6 -1.26 5.64 -4.79
CA LYS A 6 -0.22 6.09 -3.90
C LYS A 6 0.41 4.89 -3.18
N PRO A 7 1.72 4.69 -3.35
CA PRO A 7 2.44 3.52 -2.82
C PRO A 7 2.47 3.46 -1.29
N LYS A 8 2.25 4.60 -0.65
CA LYS A 8 2.27 4.70 0.81
C LYS A 8 1.27 3.75 1.47
N ILE A 9 0.03 3.74 0.97
CA ILE A 9 -0.99 2.88 1.54
C ILE A 9 -0.77 1.43 1.11
N LEU A 10 -0.29 1.26 -0.10
CA LEU A 10 -0.07 -0.06 -0.67
C LEU A 10 1.04 -0.79 0.05
N LYS A 11 2.16 -0.11 0.29
CA LYS A 11 3.26 -0.70 1.02
C LYS A 11 2.86 -1.01 2.43
N ARG A 12 2.05 -0.14 3.01
CA ARG A 12 1.54 -0.31 4.33
C ARG A 12 0.72 -1.61 4.42
N ILE A 13 -0.19 -1.83 3.45
CA ILE A 13 -1.02 -3.05 3.41
C ILE A 13 -0.13 -4.30 3.41
N LEU A 14 0.91 -4.26 2.59
CA LEU A 14 1.85 -5.35 2.51
C LEU A 14 2.72 -5.44 3.75
N ALA A 15 2.85 -4.34 4.50
CA ALA A 15 3.68 -4.32 5.70
C ALA A 15 2.98 -5.03 6.85
N LYS A 16 1.68 -5.25 6.71
CA LYS A 16 0.95 -6.02 7.69
C LYS A 16 1.28 -7.48 7.51
N ILE A 17 1.55 -7.87 6.28
CA ILE A 17 1.88 -9.25 6.00
C ILE A 17 3.38 -9.43 6.19
N PHE A 18 4.14 -8.56 5.58
CA PHE A 18 5.55 -8.60 5.63
C PHE A 18 6.05 -7.50 6.55
N LYS A 19 6.32 -7.85 7.78
CA LYS A 19 6.81 -6.89 8.74
C LYS A 19 8.29 -6.70 8.52
N PRO A 1 -6.61 6.82 -15.07
CA PRO A 1 -7.11 6.47 -13.76
C PRO A 1 -6.12 6.90 -12.71
N MET A 2 -6.61 7.41 -11.62
CA MET A 2 -5.75 7.89 -10.55
C MET A 2 -5.43 6.76 -9.61
N ALA A 3 -4.35 6.90 -8.90
CA ALA A 3 -3.94 5.90 -7.97
C ALA A 3 -4.76 6.02 -6.70
N ARG A 4 -5.75 5.16 -6.58
CA ARG A 4 -6.61 5.12 -5.42
C ARG A 4 -5.79 4.59 -4.28
N ASN A 5 -5.22 3.46 -4.51
CA ASN A 5 -4.35 2.85 -3.55
C ASN A 5 -2.96 3.35 -3.80
N LYS A 6 -2.60 4.39 -3.10
CA LYS A 6 -1.31 5.02 -3.22
C LYS A 6 -0.23 4.02 -2.78
N PRO A 7 0.98 4.08 -3.37
CA PRO A 7 2.13 3.25 -2.96
C PRO A 7 2.37 3.30 -1.44
N LYS A 8 2.04 4.44 -0.83
CA LYS A 8 2.07 4.60 0.64
C LYS A 8 1.24 3.52 1.30
N ILE A 9 -0.02 3.49 0.91
CA ILE A 9 -1.02 2.59 1.45
C ILE A 9 -0.63 1.15 1.11
N LEU A 10 -0.13 0.97 -0.10
CA LEU A 10 0.33 -0.30 -0.60
C LEU A 10 1.42 -0.86 0.31
N LYS A 11 2.41 -0.04 0.63
CA LYS A 11 3.49 -0.47 1.49
C LYS A 11 3.00 -0.78 2.89
N ARG A 12 2.05 0.02 3.39
CA ARG A 12 1.46 -0.25 4.69
C ARG A 12 0.78 -1.61 4.72
N ILE A 13 -0.20 -1.83 3.83
CA ILE A 13 -0.92 -3.09 3.79
C ILE A 13 0.03 -4.27 3.55
N LEU A 14 1.03 -4.06 2.71
CA LEU A 14 2.02 -5.09 2.45
C LEU A 14 2.98 -5.29 3.61
N ALA A 15 3.11 -4.30 4.48
CA ALA A 15 3.97 -4.46 5.67
C ALA A 15 3.22 -5.22 6.73
N LYS A 16 1.92 -5.12 6.67
CA LYS A 16 1.04 -5.82 7.56
C LYS A 16 0.98 -7.30 7.15
N ILE A 17 1.18 -7.54 5.86
CA ILE A 17 1.21 -8.90 5.33
C ILE A 17 2.62 -9.47 5.50
N PHE A 18 3.59 -8.71 5.05
CA PHE A 18 4.97 -9.12 5.03
C PHE A 18 5.76 -8.29 6.01
N LYS A 19 5.99 -8.87 7.15
CA LYS A 19 6.76 -8.26 8.17
C LYS A 19 7.88 -9.22 8.55
N PRO A 1 -11.74 7.76 -6.46
CA PRO A 1 -10.57 8.51 -6.08
C PRO A 1 -9.32 7.77 -6.53
N MET A 2 -8.17 8.32 -6.25
CA MET A 2 -6.91 7.68 -6.55
C MET A 2 -6.45 6.90 -5.34
N ALA A 3 -6.53 5.60 -5.43
CA ALA A 3 -6.13 4.75 -4.33
C ALA A 3 -4.79 4.09 -4.64
N ARG A 4 -4.72 3.47 -5.80
CA ARG A 4 -3.53 2.72 -6.21
C ARG A 4 -2.37 3.65 -6.57
N ASN A 5 -2.69 4.91 -6.77
CA ASN A 5 -1.70 5.93 -7.08
C ASN A 5 -0.92 6.33 -5.82
N LYS A 6 -1.37 5.83 -4.67
CA LYS A 6 -0.71 6.06 -3.41
C LYS A 6 0.06 4.80 -2.99
N PRO A 7 1.36 4.68 -3.34
CA PRO A 7 2.16 3.52 -2.97
C PRO A 7 2.36 3.40 -1.45
N LYS A 8 2.13 4.49 -0.73
CA LYS A 8 2.28 4.48 0.72
C LYS A 8 1.26 3.55 1.37
N ILE A 9 0.02 3.57 0.88
CA ILE A 9 -1.01 2.71 1.47
C ILE A 9 -0.75 1.27 1.07
N LEU A 10 -0.23 1.11 -0.15
CA LEU A 10 0.10 -0.19 -0.69
C LEU A 10 1.25 -0.82 0.08
N LYS A 11 2.22 -0.01 0.44
CA LYS A 11 3.37 -0.46 1.21
C LYS A 11 2.93 -0.85 2.63
N ARG A 12 2.12 -0.01 3.24
CA ARG A 12 1.67 -0.28 4.60
C ARG A 12 0.87 -1.57 4.67
N ILE A 13 -0.12 -1.73 3.79
CA ILE A 13 -0.92 -2.96 3.79
C ILE A 13 -0.06 -4.17 3.46
N LEU A 14 1.00 -3.95 2.70
CA LEU A 14 1.94 -5.01 2.38
C LEU A 14 2.69 -5.41 3.64
N ALA A 15 2.97 -4.43 4.48
CA ALA A 15 3.70 -4.68 5.69
C ALA A 15 2.80 -5.37 6.71
N LYS A 16 1.52 -5.18 6.55
CA LYS A 16 0.54 -5.76 7.43
C LYS A 16 0.22 -7.20 7.02
N ILE A 17 -0.08 -7.38 5.74
CA ILE A 17 -0.49 -8.67 5.22
C ILE A 17 0.69 -9.64 5.05
N PHE A 18 1.75 -9.17 4.43
CA PHE A 18 2.86 -10.01 4.08
C PHE A 18 3.90 -10.08 5.19
N LYS A 19 3.83 -11.13 5.97
CA LYS A 19 4.74 -11.34 7.06
C LYS A 19 5.37 -12.75 7.02
N PRO A 1 -1.29 6.41 -18.04
CA PRO A 1 -0.33 6.24 -17.00
C PRO A 1 -0.84 6.87 -15.73
N MET A 2 -1.18 6.06 -14.76
CA MET A 2 -1.68 6.54 -13.49
C MET A 2 -1.43 5.50 -12.42
N ALA A 3 -0.99 5.94 -11.28
CA ALA A 3 -0.78 5.06 -10.16
C ALA A 3 -2.11 4.80 -9.51
N ARG A 4 -2.51 3.56 -9.50
CA ARG A 4 -3.81 3.20 -8.98
C ARG A 4 -3.76 3.12 -7.47
N ASN A 5 -3.17 2.07 -7.00
CA ASN A 5 -3.02 1.84 -5.58
C ASN A 5 -1.85 2.66 -5.10
N LYS A 6 -2.14 3.61 -4.23
CA LYS A 6 -1.13 4.56 -3.76
C LYS A 6 0.00 3.83 -3.05
N PRO A 7 1.26 4.00 -3.55
CA PRO A 7 2.46 3.31 -3.03
C PRO A 7 2.59 3.33 -1.51
N LYS A 8 2.15 4.41 -0.89
CA LYS A 8 2.25 4.57 0.56
C LYS A 8 1.32 3.60 1.28
N ILE A 9 0.02 3.65 0.98
CA ILE A 9 -0.93 2.75 1.63
C ILE A 9 -0.69 1.31 1.16
N LEU A 10 -0.24 1.18 -0.09
CA LEU A 10 0.13 -0.11 -0.69
C LEU A 10 1.15 -0.79 0.20
N LYS A 11 2.17 -0.02 0.53
CA LYS A 11 3.27 -0.47 1.36
C LYS A 11 2.78 -0.80 2.75
N ARG A 12 1.88 0.01 3.26
CA ARG A 12 1.34 -0.21 4.59
C ARG A 12 0.58 -1.54 4.65
N ILE A 13 -0.34 -1.74 3.71
CA ILE A 13 -1.15 -2.96 3.63
C ILE A 13 -0.20 -4.16 3.50
N LEU A 14 0.80 -3.99 2.66
CA LEU A 14 1.81 -4.99 2.42
C LEU A 14 2.63 -5.24 3.69
N ALA A 15 2.83 -4.19 4.50
CA ALA A 15 3.68 -4.26 5.68
C ALA A 15 3.06 -5.09 6.78
N LYS A 16 1.78 -5.35 6.67
CA LYS A 16 1.10 -6.19 7.63
C LYS A 16 1.37 -7.66 7.35
N ILE A 17 1.51 -8.01 6.09
CA ILE A 17 1.82 -9.38 5.75
C ILE A 17 3.34 -9.56 5.63
N PHE A 18 3.95 -8.65 4.92
CA PHE A 18 5.37 -8.59 4.71
C PHE A 18 5.93 -7.69 5.81
N LYS A 19 6.04 -8.27 6.98
CA LYS A 19 6.47 -7.60 8.16
C LYS A 19 7.96 -7.32 8.11
N PRO A 1 -5.67 17.22 -1.41
CA PRO A 1 -4.42 16.61 -1.05
C PRO A 1 -3.71 16.13 -2.30
N MET A 2 -2.52 15.61 -2.14
CA MET A 2 -1.76 15.07 -3.25
C MET A 2 -1.84 13.57 -3.23
N ALA A 3 -2.58 13.01 -4.18
CA ALA A 3 -2.83 11.57 -4.33
C ALA A 3 -3.67 11.01 -3.19
N ARG A 4 -4.86 10.56 -3.51
CA ARG A 4 -5.76 9.99 -2.52
C ARG A 4 -5.25 8.65 -2.08
N ASN A 5 -5.17 7.76 -3.02
CA ASN A 5 -4.68 6.45 -2.76
C ASN A 5 -3.21 6.43 -3.07
N LYS A 6 -2.44 6.79 -2.08
CA LYS A 6 -1.01 6.88 -2.18
C LYS A 6 -0.40 5.49 -2.25
N PRO A 7 0.76 5.34 -2.91
CA PRO A 7 1.49 4.06 -2.97
C PRO A 7 1.85 3.57 -1.57
N LYS A 8 1.93 4.51 -0.65
CA LYS A 8 2.21 4.25 0.73
C LYS A 8 1.11 3.38 1.35
N ILE A 9 -0.12 3.52 0.84
CA ILE A 9 -1.25 2.73 1.36
C ILE A 9 -1.04 1.25 1.04
N LEU A 10 -0.60 0.99 -0.18
CA LEU A 10 -0.32 -0.37 -0.62
C LEU A 10 0.92 -0.91 0.06
N LYS A 11 1.85 -0.01 0.35
CA LYS A 11 3.06 -0.37 1.06
C LYS A 11 2.71 -0.74 2.50
N ARG A 12 1.84 0.05 3.10
CA ARG A 12 1.34 -0.17 4.44
C ARG A 12 0.72 -1.54 4.60
N ILE A 13 -0.30 -1.84 3.80
CA ILE A 13 -0.96 -3.14 3.90
C ILE A 13 0.03 -4.29 3.58
N LEU A 14 1.00 -3.99 2.74
CA LEU A 14 2.03 -4.95 2.41
C LEU A 14 2.94 -5.18 3.61
N ALA A 15 3.15 -4.15 4.41
CA ALA A 15 4.02 -4.24 5.57
C ALA A 15 3.33 -5.00 6.71
N LYS A 16 2.02 -5.13 6.57
CA LYS A 16 1.24 -5.85 7.53
C LYS A 16 1.39 -7.35 7.30
N ILE A 17 1.31 -7.74 6.03
CA ILE A 17 1.40 -9.14 5.63
C ILE A 17 2.84 -9.60 5.39
N PHE A 18 3.66 -8.69 4.94
CA PHE A 18 5.05 -8.99 4.68
C PHE A 18 5.90 -8.13 5.60
N LYS A 19 6.38 -8.76 6.65
CA LYS A 19 7.16 -8.11 7.67
C LYS A 19 8.49 -7.68 7.08
N PRO A 1 -8.58 13.39 -4.94
CA PRO A 1 -7.26 13.76 -5.42
C PRO A 1 -7.01 13.07 -6.75
N MET A 2 -5.84 13.25 -7.33
CA MET A 2 -5.48 12.54 -8.54
C MET A 2 -4.86 11.21 -8.18
N ALA A 3 -4.05 11.23 -7.15
CA ALA A 3 -3.43 10.04 -6.65
C ALA A 3 -4.38 9.32 -5.71
N ARG A 4 -5.11 8.36 -6.24
CA ARG A 4 -6.05 7.64 -5.41
C ARG A 4 -5.42 6.40 -4.83
N ASN A 5 -4.51 5.81 -5.58
CA ASN A 5 -3.83 4.62 -5.15
C ASN A 5 -2.37 4.95 -4.95
N LYS A 6 -2.07 5.46 -3.79
CA LYS A 6 -0.73 5.84 -3.46
C LYS A 6 0.07 4.60 -3.04
N PRO A 7 1.32 4.45 -3.55
CA PRO A 7 2.19 3.31 -3.18
C PRO A 7 2.48 3.29 -1.67
N LYS A 8 2.24 4.42 -1.03
CA LYS A 8 2.42 4.60 0.39
C LYS A 8 1.44 3.73 1.18
N ILE A 9 0.17 3.71 0.75
CA ILE A 9 -0.84 2.93 1.47
C ILE A 9 -0.68 1.44 1.13
N LEU A 10 -0.21 1.18 -0.10
CA LEU A 10 0.09 -0.18 -0.53
C LEU A 10 1.20 -0.74 0.34
N LYS A 11 2.21 0.07 0.58
CA LYS A 11 3.33 -0.29 1.44
C LYS A 11 2.81 -0.68 2.83
N ARG A 12 1.89 0.12 3.34
CA ARG A 12 1.31 -0.12 4.65
C ARG A 12 0.61 -1.46 4.71
N ILE A 13 -0.31 -1.69 3.79
CA ILE A 13 -1.05 -2.95 3.81
C ILE A 13 -0.12 -4.15 3.56
N LEU A 14 0.91 -3.93 2.74
CA LEU A 14 1.91 -4.95 2.48
C LEU A 14 2.79 -5.17 3.70
N ALA A 15 2.85 -4.20 4.62
CA ALA A 15 3.60 -4.37 5.86
C ALA A 15 2.91 -5.41 6.75
N LYS A 16 1.62 -5.58 6.53
CA LYS A 16 0.86 -6.58 7.25
C LYS A 16 0.86 -7.89 6.44
N ILE A 17 0.47 -7.80 5.17
CA ILE A 17 0.33 -8.95 4.27
C ILE A 17 1.64 -9.73 4.11
N PHE A 18 2.71 -9.04 3.85
CA PHE A 18 3.98 -9.66 3.63
C PHE A 18 4.73 -9.71 4.95
N LYS A 19 5.17 -10.86 5.35
CA LYS A 19 5.88 -11.02 6.58
C LYS A 19 7.29 -11.51 6.31
N PRO A 1 -8.04 5.52 -6.66
CA PRO A 1 -8.29 5.60 -8.09
C PRO A 1 -8.40 4.20 -8.67
N MET A 2 -8.73 4.12 -9.94
CA MET A 2 -8.98 2.84 -10.60
C MET A 2 -7.69 2.11 -10.97
N ALA A 3 -6.68 2.84 -11.38
CA ALA A 3 -5.45 2.21 -11.80
C ALA A 3 -4.32 2.54 -10.84
N ARG A 4 -4.06 3.80 -10.67
CA ARG A 4 -3.02 4.25 -9.78
C ARG A 4 -3.43 4.09 -8.33
N ASN A 5 -2.65 3.32 -7.64
CA ASN A 5 -2.82 3.10 -6.23
C ASN A 5 -1.61 3.65 -5.55
N LYS A 6 -1.82 4.46 -4.56
CA LYS A 6 -0.74 5.12 -3.85
C LYS A 6 0.11 4.12 -3.05
N PRO A 7 1.41 3.99 -3.42
CA PRO A 7 2.36 3.10 -2.72
C PRO A 7 2.40 3.35 -1.22
N LYS A 8 2.13 4.60 -0.82
CA LYS A 8 2.10 4.97 0.57
C LYS A 8 1.17 4.06 1.37
N ILE A 9 0.00 3.78 0.82
CA ILE A 9 -0.92 2.92 1.52
C ILE A 9 -0.66 1.46 1.16
N LEU A 10 -0.28 1.20 -0.10
CA LEU A 10 -0.03 -0.17 -0.56
C LEU A 10 1.09 -0.85 0.22
N LYS A 11 2.19 -0.15 0.42
CA LYS A 11 3.31 -0.71 1.16
C LYS A 11 2.95 -0.95 2.61
N ARG A 12 2.06 -0.15 3.14
CA ARG A 12 1.60 -0.32 4.49
C ARG A 12 0.75 -1.59 4.58
N ILE A 13 -0.16 -1.75 3.62
CA ILE A 13 -0.99 -2.96 3.53
C ILE A 13 -0.09 -4.19 3.40
N LEU A 14 0.99 -4.03 2.66
CA LEU A 14 1.95 -5.09 2.47
C LEU A 14 2.84 -5.26 3.70
N ALA A 15 2.94 -4.23 4.55
CA ALA A 15 3.72 -4.30 5.78
C ALA A 15 2.97 -5.10 6.83
N LYS A 16 1.68 -5.27 6.60
CA LYS A 16 0.85 -6.07 7.48
C LYS A 16 1.21 -7.55 7.31
N ILE A 17 1.46 -7.95 6.07
CA ILE A 17 1.83 -9.33 5.80
C ILE A 17 3.35 -9.52 5.91
N PHE A 18 4.11 -8.53 5.46
CA PHE A 18 5.54 -8.59 5.54
C PHE A 18 6.03 -7.47 6.43
N LYS A 19 6.33 -7.83 7.64
CA LYS A 19 6.73 -6.92 8.65
C LYS A 19 8.21 -7.10 8.92
N PRO A 1 -14.27 0.49 -11.19
CA PRO A 1 -13.19 1.27 -11.74
C PRO A 1 -12.01 1.11 -10.82
N MET A 2 -10.87 1.62 -11.23
CA MET A 2 -9.66 1.54 -10.44
C MET A 2 -9.85 2.32 -9.17
N ALA A 3 -9.78 1.62 -8.05
CA ALA A 3 -9.99 2.21 -6.76
C ALA A 3 -8.77 3.00 -6.30
N ARG A 4 -7.66 2.77 -7.01
CA ARG A 4 -6.39 3.44 -6.79
C ARG A 4 -5.84 3.30 -5.39
N ASN A 5 -4.99 2.35 -5.26
CA ASN A 5 -4.31 2.14 -4.02
C ASN A 5 -3.03 2.91 -4.09
N LYS A 6 -2.85 3.80 -3.16
CA LYS A 6 -1.68 4.65 -3.16
C LYS A 6 -0.46 3.86 -2.72
N PRO A 7 0.72 4.11 -3.33
CA PRO A 7 1.98 3.39 -3.01
C PRO A 7 2.27 3.35 -1.51
N LYS A 8 1.97 4.43 -0.80
CA LYS A 8 2.17 4.46 0.65
C LYS A 8 1.27 3.44 1.32
N ILE A 9 0.01 3.44 0.92
CA ILE A 9 -0.98 2.56 1.51
C ILE A 9 -0.68 1.12 1.14
N LEU A 10 -0.17 0.94 -0.07
CA LEU A 10 0.27 -0.36 -0.52
C LEU A 10 1.40 -0.85 0.36
N LYS A 11 2.38 0.01 0.60
CA LYS A 11 3.50 -0.33 1.47
C LYS A 11 2.99 -0.69 2.88
N ARG A 12 1.95 0.00 3.33
CA ARG A 12 1.39 -0.27 4.64
C ARG A 12 0.81 -1.68 4.67
N ILE A 13 -0.16 -1.96 3.80
CA ILE A 13 -0.81 -3.28 3.76
C ILE A 13 0.21 -4.38 3.45
N LEU A 14 1.20 -4.04 2.63
CA LEU A 14 2.30 -4.93 2.33
C LEU A 14 3.05 -5.28 3.60
N ALA A 15 3.28 -4.28 4.46
CA ALA A 15 4.06 -4.49 5.67
C ALA A 15 3.21 -5.18 6.73
N LYS A 16 1.91 -5.10 6.58
CA LYS A 16 1.00 -5.72 7.48
C LYS A 16 0.98 -7.22 7.21
N ILE A 17 0.93 -7.59 5.94
CA ILE A 17 0.91 -8.98 5.54
C ILE A 17 2.33 -9.56 5.62
N PHE A 18 3.25 -8.85 5.05
CA PHE A 18 4.61 -9.27 4.90
C PHE A 18 5.52 -8.36 5.72
N LYS A 19 5.94 -8.84 6.85
CA LYS A 19 6.78 -8.09 7.74
C LYS A 19 8.18 -8.65 7.73
#